data_4D8N
#
_entry.id   4D8N
#
_cell.length_a   43.185
_cell.length_b   45.950
_cell.length_c   109.077
_cell.angle_alpha   90.00
_cell.angle_beta   90.00
_cell.angle_gamma   90.00
#
_symmetry.space_group_name_H-M   'P 21 21 21'
#
loop_
_entity.id
_entity.type
_entity.pdbx_description
1 polymer Kallikrein-6
2 non-polymer 2-{[4-(aminomethyl)phenyl]carbamoyl}-1-[(1-benzyl-1H-imidazol-2-yl)methyl]-3-hydroxypyridinium
3 water water
#
_entity_poly.entity_id   1
_entity_poly.type   'polypeptide(L)'
_entity_poly.pdbx_seq_one_letter_code
;LVHGGPCDKTSHPYQAALYTSGHLLCGGVLIHPLWVLTAAHCKKPNLQVFLGKHNLGQQESSQEQSSVVRAVIHPDYDAA
SHDQDIMLLRLARPAKLSELIQPLPLERDCSAQTTSCHILGWGKTADGDFPDTIQCAYIHLVSREECEHAYPGQITQNML
CAGDEKYGKDSCQGDSGGPLVCGDHLRGLVSWGNIPCGSKEKPGVYTNVCRYTNWIQKTIQAK
;
_entity_poly.pdbx_strand_id   A
#
loop_
_chem_comp.id
_chem_comp.type
_chem_comp.name
_chem_comp.formula
0HM non-polymer 2-{[4-(aminomethyl)phenyl]carbamoyl}-1-[(1-benzyl-1H-imidazol-2-yl)methyl]-3-hydroxypyridinium 'C24 H24 N5 O2 1'
#
# COMPACT_ATOMS: atom_id res chain seq x y z
N LEU A 1 -9.00 1.72 5.87
CA LEU A 1 -8.91 3.21 5.71
C LEU A 1 -10.28 3.86 6.00
N VAL A 2 -10.27 5.13 6.40
CA VAL A 2 -11.49 5.76 6.89
C VAL A 2 -12.14 6.72 5.90
N HIS A 3 -13.47 6.73 5.93
CA HIS A 3 -14.29 7.65 5.15
C HIS A 3 -14.28 7.36 3.67
N GLY A 4 -13.90 6.14 3.30
CA GLY A 4 -14.01 5.73 1.91
C GLY A 4 -15.26 4.92 1.64
N GLY A 5 -15.23 4.16 0.56
CA GLY A 5 -16.32 3.24 0.26
C GLY A 5 -15.76 2.00 -0.43
N PRO A 6 -16.61 1.00 -0.71
CA PRO A 6 -16.10 -0.20 -1.39
C PRO A 6 -15.58 0.12 -2.78
N CYS A 7 -14.45 -0.48 -3.14
CA CYS A 7 -13.85 -0.28 -4.46
CA CYS A 7 -13.86 -0.25 -4.45
C CYS A 7 -14.73 -0.87 -5.54
N ASP A 8 -14.71 -0.26 -6.73
CA ASP A 8 -15.31 -0.87 -7.91
C ASP A 8 -14.63 -2.21 -8.15
N LYS A 9 -15.43 -3.25 -8.42
CA LYS A 9 -14.94 -4.61 -8.40
C LYS A 9 -13.77 -4.88 -9.34
N THR A 10 -13.71 -4.16 -10.45
CA THR A 10 -12.71 -4.43 -11.49
C THR A 10 -11.54 -3.46 -11.43
N SER A 11 -11.52 -2.60 -10.41
CA SER A 11 -10.60 -1.47 -10.38
CA SER A 11 -10.60 -1.47 -10.38
C SER A 11 -9.34 -1.68 -9.55
N HIS A 12 -9.20 -2.85 -8.94
CA HIS A 12 -8.07 -3.07 -8.03
C HIS A 12 -7.31 -4.38 -8.27
N PRO A 13 -7.04 -4.73 -9.53
CA PRO A 13 -6.44 -6.05 -9.82
C PRO A 13 -5.02 -6.21 -9.28
N TYR A 14 -4.40 -5.10 -8.89
CA TYR A 14 -3.05 -5.11 -8.36
C TYR A 14 -2.99 -5.22 -6.84
N GLN A 15 -4.15 -5.18 -6.17
CA GLN A 15 -4.15 -5.18 -4.71
C GLN A 15 -3.87 -6.56 -4.14
N ALA A 16 -2.97 -6.62 -3.17
CA ALA A 16 -2.68 -7.87 -2.47
C ALA A 16 -3.11 -7.76 -1.02
N ALA A 17 -3.48 -8.90 -0.45
CA ALA A 17 -3.70 -8.99 0.98
C ALA A 17 -2.63 -9.90 1.58
N LEU A 18 -1.96 -9.43 2.63
CA LEU A 18 -0.97 -10.22 3.33
C LEU A 18 -1.55 -10.75 4.64
N TYR A 19 -1.43 -12.05 4.83
CA TYR A 19 -1.91 -12.71 6.05
C TYR A 19 -0.74 -13.35 6.78
N THR A 20 -0.87 -13.48 8.09
CA THR A 20 -0.02 -14.41 8.83
C THR A 20 -0.82 -14.98 9.99
N SER A 21 -0.63 -16.26 10.26
CA SER A 21 -1.39 -16.94 11.32
C SER A 21 -2.89 -16.83 11.06
N GLY A 22 -3.28 -16.71 9.79
CA GLY A 22 -4.68 -16.75 9.43
C GLY A 22 -5.44 -15.44 9.59
N HIS A 23 -4.73 -14.37 9.92
CA HIS A 23 -5.37 -13.05 10.05
C HIS A 23 -4.72 -12.02 9.13
N LEU A 24 -5.51 -11.06 8.67
CA LEU A 24 -5.00 -9.96 7.85
C LEU A 24 -3.86 -9.26 8.59
N LEU A 25 -2.76 -9.01 7.89
CA LEU A 25 -1.62 -8.31 8.48
C LEU A 25 -1.41 -6.97 7.79
N CYS A 26 -1.47 -6.97 6.47
CA CYS A 26 -1.09 -5.81 5.68
C CYS A 26 -1.67 -5.86 4.27
N GLY A 27 -1.59 -4.72 3.58
CA GLY A 27 -1.83 -4.71 2.15
C GLY A 27 -0.53 -4.86 1.38
N GLY A 28 -0.64 -4.91 0.04
CA GLY A 28 0.52 -5.01 -0.81
C GLY A 28 0.14 -4.67 -2.25
N VAL A 29 1.13 -4.59 -3.14
CA VAL A 29 0.87 -4.25 -4.54
C VAL A 29 1.63 -5.19 -5.47
N LEU A 30 0.91 -5.83 -6.38
CA LEU A 30 1.54 -6.65 -7.41
C LEU A 30 2.19 -5.71 -8.42
N ILE A 31 3.50 -5.83 -8.63
CA ILE A 31 4.18 -4.99 -9.59
C ILE A 31 4.87 -5.78 -10.70
N HIS A 32 4.81 -7.10 -10.58
CA HIS A 32 5.47 -8.02 -11.50
C HIS A 32 4.86 -9.39 -11.20
N PRO A 33 4.74 -10.25 -12.22
CA PRO A 33 4.11 -11.55 -11.95
C PRO A 33 4.72 -12.32 -10.78
N LEU A 34 6.00 -12.08 -10.50
CA LEU A 34 6.68 -12.79 -9.41
C LEU A 34 6.77 -11.98 -8.11
N TRP A 35 6.46 -10.69 -8.16
CA TRP A 35 6.81 -9.79 -7.07
C TRP A 35 5.71 -8.90 -6.54
N VAL A 36 5.58 -8.87 -5.22
CA VAL A 36 4.67 -7.95 -4.54
C VAL A 36 5.47 -6.96 -3.70
N LEU A 37 5.08 -5.69 -3.76
CA LEU A 37 5.73 -4.64 -2.98
C LEU A 37 4.87 -4.38 -1.74
N THR A 38 5.51 -4.10 -0.61
CA THR A 38 4.76 -3.79 0.61
C THR A 38 5.67 -3.00 1.54
N ALA A 39 5.19 -2.70 2.75
CA ALA A 39 6.00 -1.97 3.71
C ALA A 39 6.96 -2.92 4.44
N ALA A 40 8.14 -2.41 4.75
CA ALA A 40 9.13 -3.21 5.47
C ALA A 40 8.60 -3.65 6.84
N HIS A 41 7.78 -2.81 7.47
CA HIS A 41 7.30 -3.17 8.80
C HIS A 41 6.23 -4.26 8.77
N CYS A 42 5.93 -4.74 7.56
CA CYS A 42 4.99 -5.84 7.38
C CYS A 42 5.66 -7.22 7.43
N LYS A 43 6.97 -7.24 7.61
CA LYS A 43 7.68 -8.52 7.57
C LYS A 43 7.42 -9.35 8.82
N LYS A 44 6.92 -10.57 8.62
CA LYS A 44 6.69 -11.54 9.69
C LYS A 44 6.93 -12.91 9.06
N PRO A 45 7.21 -13.93 9.87
CA PRO A 45 7.35 -15.27 9.29
C PRO A 45 6.04 -15.82 8.74
N ASN A 46 6.14 -16.73 7.79
CA ASN A 46 4.99 -17.46 7.28
C ASN A 46 3.90 -16.57 6.69
N LEU A 47 4.33 -15.60 5.86
CA LEU A 47 3.40 -14.75 5.15
C LEU A 47 2.61 -15.55 4.12
N GLN A 48 1.32 -15.26 4.02
CA GLN A 48 0.50 -15.76 2.92
C GLN A 48 0.01 -14.55 2.14
N VAL A 49 0.19 -14.58 0.82
CA VAL A 49 -0.26 -13.49 -0.03
C VAL A 49 -1.49 -13.91 -0.83
N PHE A 50 -2.53 -13.09 -0.79
CA PHE A 50 -3.74 -13.35 -1.57
C PHE A 50 -3.89 -12.30 -2.67
N LEU A 51 -4.05 -12.78 -3.90
CA LEU A 51 -4.32 -11.92 -5.04
C LEU A 51 -5.74 -12.18 -5.55
N GLY A 52 -6.30 -11.21 -6.26
CA GLY A 52 -7.61 -11.39 -6.86
C GLY A 52 -8.77 -11.32 -5.87
N LYS A 53 -8.51 -10.77 -4.69
CA LYS A 53 -9.51 -10.73 -3.63
C LYS A 53 -10.27 -9.40 -3.61
N HIS A 54 -11.54 -9.49 -3.24
CA HIS A 54 -12.38 -8.30 -3.05
C HIS A 54 -12.98 -8.35 -1.64
N ASN A 55 -13.58 -9.48 -1.28
CA ASN A 55 -14.14 -9.68 0.06
C ASN A 55 -13.35 -10.77 0.77
N LEU A 56 -12.81 -10.43 1.94
CA LEU A 56 -11.88 -11.33 2.63
C LEU A 56 -12.50 -12.64 3.09
N GLY A 57 -13.75 -12.61 3.50
CA GLY A 57 -14.35 -13.81 4.05
C GLY A 57 -14.72 -14.83 2.98
N GLN A 58 -14.95 -14.35 1.75
CA GLN A 58 -15.46 -15.19 0.69
C GLN A 58 -14.32 -15.96 0.00
N GLN A 59 -14.67 -17.15 -0.44
CA GLN A 59 -13.77 -17.97 -1.26
C GLN A 59 -14.10 -17.64 -2.71
N GLU A 60 -13.43 -16.64 -3.27
CA GLU A 60 -13.79 -16.06 -4.56
C GLU A 60 -13.09 -16.83 -5.66
N SER A 61 -13.82 -17.12 -6.73
CA SER A 61 -13.26 -17.90 -7.83
C SER A 61 -12.00 -17.26 -8.40
N SER A 62 -11.87 -15.95 -8.24
CA SER A 62 -10.79 -15.21 -8.86
C SER A 62 -9.51 -15.20 -8.04
N GLN A 63 -9.56 -15.70 -6.80
CA GLN A 63 -8.45 -15.47 -5.90
C GLN A 63 -7.32 -16.46 -6.09
N GLU A 64 -6.12 -16.00 -5.76
CA GLU A 64 -4.92 -16.84 -5.80
C GLU A 64 -4.19 -16.67 -4.48
N GLN A 65 -3.83 -17.79 -3.85
CA GLN A 65 -3.08 -17.76 -2.61
C GLN A 65 -1.67 -18.26 -2.83
N SER A 66 -0.69 -17.62 -2.21
CA SER A 66 0.70 -18.02 -2.38
C SER A 66 1.54 -17.77 -1.14
N SER A 67 2.49 -18.65 -0.90
CA SER A 67 3.54 -18.39 0.09
CA SER A 67 3.52 -18.38 0.10
C SER A 67 4.58 -17.47 -0.52
N VAL A 68 5.61 -17.16 0.26
CA VAL A 68 6.67 -16.28 -0.19
C VAL A 68 8.01 -17.01 -0.07
N VAL A 69 8.86 -16.88 -1.07
CA VAL A 69 10.15 -17.57 -1.03
C VAL A 69 11.33 -16.64 -0.77
N ARG A 70 11.13 -15.35 -0.95
CA ARG A 70 12.13 -14.36 -0.56
C ARG A 70 11.47 -13.07 -0.14
N ALA A 71 11.87 -12.54 1.02
CA ALA A 71 11.39 -11.22 1.45
C ALA A 71 12.60 -10.31 1.51
N VAL A 72 12.64 -9.30 0.64
CA VAL A 72 13.79 -8.42 0.58
C VAL A 72 13.42 -7.04 1.09
N ILE A 73 13.77 -6.77 2.34
CA ILE A 73 13.64 -5.45 2.94
C ILE A 73 14.75 -4.55 2.44
N HIS A 74 14.46 -3.25 2.32
CA HIS A 74 15.52 -2.34 1.93
C HIS A 74 16.61 -2.33 3.01
N PRO A 75 17.88 -2.44 2.60
CA PRO A 75 19.02 -2.53 3.52
C PRO A 75 19.14 -1.35 4.48
N ASP A 76 18.59 -0.20 4.09
CA ASP A 76 18.71 1.00 4.91
C ASP A 76 17.42 1.36 5.63
N TYR A 77 16.48 0.42 5.67
CA TYR A 77 15.23 0.63 6.41
C TYR A 77 15.50 0.99 7.86
N ASP A 78 14.92 2.09 8.32
CA ASP A 78 15.06 2.54 9.70
C ASP A 78 13.73 2.44 10.41
N ALA A 79 13.56 1.41 11.24
CA ALA A 79 12.26 1.10 11.81
C ALA A 79 11.70 2.20 12.70
N ALA A 80 12.57 2.92 13.41
CA ALA A 80 12.10 3.93 14.34
C ALA A 80 11.48 5.14 13.62
N SER A 81 12.04 5.51 12.48
CA SER A 81 11.61 6.69 11.75
C SER A 81 10.79 6.35 10.51
N HIS A 82 10.74 5.06 10.19
CA HIS A 82 10.03 4.57 9.01
C HIS A 82 10.71 4.98 7.70
N ASP A 83 11.95 5.45 7.79
CA ASP A 83 12.67 5.83 6.58
C ASP A 83 12.96 4.59 5.74
N GLN A 84 12.61 4.65 4.45
CA GLN A 84 12.87 3.57 3.51
C GLN A 84 12.06 2.32 3.86
N ASP A 85 10.77 2.55 4.14
CA ASP A 85 9.85 1.50 4.60
C ASP A 85 9.30 0.73 3.39
N ILE A 86 10.12 -0.15 2.84
CA ILE A 86 9.74 -0.82 1.61
C ILE A 86 10.38 -2.21 1.57
N MET A 87 9.62 -3.16 1.02
CA MET A 87 10.04 -4.56 1.02
C MET A 87 9.47 -5.24 -0.22
N LEU A 88 10.30 -6.08 -0.86
CA LEU A 88 9.87 -6.86 -2.00
C LEU A 88 9.65 -8.31 -1.61
N LEU A 89 8.51 -8.86 -2.02
CA LEU A 89 8.19 -10.26 -1.74
C LEU A 89 8.14 -11.06 -3.03
N ARG A 90 8.94 -12.11 -3.08
CA ARG A 90 8.98 -13.00 -4.24
C ARG A 90 8.01 -14.13 -3.98
N LEU A 91 7.00 -14.24 -4.85
CA LEU A 91 5.92 -15.21 -4.64
C LEU A 91 6.41 -16.62 -4.91
N ALA A 92 5.97 -17.57 -4.09
CA ALA A 92 6.35 -18.97 -4.26
C ALA A 92 5.83 -19.48 -5.60
N ARG A 93 4.79 -18.83 -6.10
CA ARG A 93 4.36 -19.13 -7.45
C ARG A 93 3.88 -17.89 -8.16
N PRO A 94 4.37 -17.69 -9.38
CA PRO A 94 4.05 -16.51 -10.18
C PRO A 94 2.56 -16.30 -10.23
N ALA A 95 2.14 -15.05 -10.16
CA ALA A 95 0.73 -14.72 -10.20
C ALA A 95 0.13 -15.20 -11.51
N LYS A 96 -1.00 -15.90 -11.40
CA LYS A 96 -1.78 -16.23 -12.58
C LYS A 96 -2.64 -15.03 -12.92
N LEU A 97 -2.16 -14.22 -13.84
CA LEU A 97 -2.84 -12.98 -14.20
C LEU A 97 -4.19 -13.31 -14.83
N SER A 98 -5.13 -12.39 -14.68
CA SER A 98 -6.49 -12.58 -15.14
C SER A 98 -7.16 -11.22 -15.24
N GLU A 99 -8.46 -11.22 -15.47
CA GLU A 99 -9.20 -9.97 -15.50
C GLU A 99 -9.15 -9.29 -14.13
N LEU A 100 -8.87 -10.06 -13.09
CA LEU A 100 -8.89 -9.53 -11.72
C LEU A 100 -7.53 -9.58 -11.01
N ILE A 101 -6.49 -9.96 -11.74
CA ILE A 101 -5.13 -9.97 -11.20
C ILE A 101 -4.19 -9.42 -12.28
N GLN A 102 -3.52 -8.31 -11.97
CA GLN A 102 -2.69 -7.62 -12.94
C GLN A 102 -1.77 -6.62 -12.22
N PRO A 103 -0.51 -6.53 -12.65
CA PRO A 103 0.45 -5.60 -12.02
C PRO A 103 0.08 -4.14 -12.28
N LEU A 104 0.50 -3.26 -11.37
CA LEU A 104 0.34 -1.82 -11.54
C LEU A 104 1.69 -1.20 -11.92
N PRO A 105 1.74 -0.44 -13.02
CA PRO A 105 2.99 0.24 -13.38
C PRO A 105 3.41 1.28 -12.35
N LEU A 106 4.72 1.41 -12.15
CA LEU A 106 5.27 2.35 -11.17
C LEU A 106 5.42 3.74 -11.76
N GLU A 107 5.25 4.75 -10.91
CA GLU A 107 5.65 6.10 -11.28
C GLU A 107 7.16 6.23 -11.09
N ARG A 108 7.87 6.47 -12.20
CA ARG A 108 9.32 6.56 -12.15
C ARG A 108 9.83 8.01 -12.03
N ASP A 109 8.91 8.96 -12.20
CA ASP A 109 9.28 10.36 -12.21
C ASP A 109 9.01 10.98 -10.84
N CYS A 110 10.09 11.27 -10.10
CA CYS A 110 9.95 11.81 -8.76
C CYS A 110 9.33 13.21 -8.79
N SER A 111 9.38 13.85 -9.96
CA SER A 111 8.85 15.19 -10.12
C SER A 111 7.42 15.19 -10.67
N ALA A 112 6.82 14.01 -10.76
CA ALA A 112 5.49 13.87 -11.31
C ALA A 112 4.52 14.90 -10.73
N GLN A 113 3.74 15.52 -11.61
CA GLN A 113 2.78 16.59 -11.27
C GLN A 113 1.62 16.12 -10.42
N THR A 114 1.13 14.93 -10.73
CA THR A 114 -0.21 14.52 -10.37
C THR A 114 -0.33 14.37 -8.86
N THR A 115 -1.28 15.07 -8.26
CA THR A 115 -1.47 14.99 -6.81
C THR A 115 -2.80 14.34 -6.44
N SER A 116 -3.65 14.09 -7.43
CA SER A 116 -4.91 13.38 -7.19
C SER A 116 -4.63 11.89 -7.14
N CYS A 117 -4.96 11.27 -6.00
CA CYS A 117 -4.60 9.87 -5.77
C CYS A 117 -5.76 9.09 -5.19
N HIS A 118 -5.60 7.78 -5.06
CA HIS A 118 -6.46 7.01 -4.18
C HIS A 118 -5.65 5.98 -3.42
N ILE A 119 -6.21 5.52 -2.32
CA ILE A 119 -5.62 4.43 -1.54
C ILE A 119 -6.64 3.31 -1.45
N LEU A 120 -6.15 2.08 -1.22
CA LEU A 120 -7.00 0.89 -1.12
C LEU A 120 -6.55 0.03 0.07
N GLY A 121 -7.52 -0.64 0.70
CA GLY A 121 -7.14 -1.58 1.74
C GLY A 121 -8.31 -2.16 2.51
N TRP A 122 -7.99 -3.11 3.38
CA TRP A 122 -8.98 -3.72 4.26
C TRP A 122 -8.72 -3.29 5.71
N GLY A 123 -8.05 -2.15 5.86
CA GLY A 123 -7.76 -1.64 7.18
C GLY A 123 -8.99 -1.07 7.89
N LYS A 124 -8.81 -0.71 9.15
CA LYS A 124 -9.91 -0.23 9.99
C LYS A 124 -10.67 0.90 9.29
N THR A 125 -12.01 0.85 9.38
CA THR A 125 -12.86 1.90 8.84
C THR A 125 -13.30 2.87 9.93
N ALA A 126 -14.08 3.88 9.56
CA ALA A 126 -14.37 5.00 10.44
C ALA A 126 -15.15 4.55 11.68
N ASP A 127 -15.84 3.43 11.58
CA ASP A 127 -16.63 2.92 12.69
C ASP A 127 -15.78 2.12 13.67
N GLY A 128 -14.51 1.95 13.35
CA GLY A 128 -13.61 1.24 14.24
C GLY A 128 -13.51 -0.26 13.97
N ASP A 129 -14.31 -0.75 13.04
CA ASP A 129 -14.30 -2.18 12.72
C ASP A 129 -13.46 -2.45 11.46
N PHE A 130 -13.17 -3.73 11.22
CA PHE A 130 -12.43 -4.13 10.04
C PHE A 130 -13.37 -4.65 8.96
N PRO A 131 -13.31 -4.07 7.75
CA PRO A 131 -14.22 -4.41 6.65
C PRO A 131 -13.87 -5.74 5.99
N ASP A 132 -14.91 -6.47 5.55
CA ASP A 132 -14.71 -7.64 4.70
C ASP A 132 -14.38 -7.18 3.27
N THR A 133 -15.02 -6.09 2.86
CA THR A 133 -14.95 -5.65 1.48
C THR A 133 -13.89 -4.58 1.31
N ILE A 134 -13.07 -4.71 0.28
CA ILE A 134 -11.96 -3.79 0.07
C ILE A 134 -12.50 -2.36 -0.06
N GLN A 135 -11.82 -1.42 0.61
CA GLN A 135 -12.22 -0.02 0.58
C GLN A 135 -11.30 0.81 -0.31
N CYS A 136 -11.86 1.91 -0.84
CA CYS A 136 -11.14 2.85 -1.68
CA CYS A 136 -11.13 2.85 -1.66
C CYS A 136 -11.44 4.27 -1.20
N ALA A 137 -10.44 5.16 -1.26
CA ALA A 137 -10.69 6.57 -0.98
C ALA A 137 -9.79 7.46 -1.81
N TYR A 138 -10.36 8.56 -2.30
CA TYR A 138 -9.58 9.58 -3.00
C TYR A 138 -8.92 10.52 -1.99
N ILE A 139 -7.62 10.71 -2.15
CA ILE A 139 -6.90 11.69 -1.36
C ILE A 139 -5.91 12.43 -2.23
N HIS A 140 -5.28 13.45 -1.66
CA HIS A 140 -4.41 14.32 -2.44
C HIS A 140 -3.02 14.40 -1.84
N LEU A 141 -2.01 14.32 -2.69
CA LEU A 141 -0.63 14.56 -2.27
C LEU A 141 -0.47 16.00 -1.81
N VAL A 142 0.32 16.18 -0.76
CA VAL A 142 0.68 17.51 -0.30
C VAL A 142 2.11 17.78 -0.79
N SER A 143 2.52 19.05 -0.86
CA SER A 143 3.87 19.36 -1.29
C SER A 143 4.89 18.91 -0.24
N ARG A 144 6.14 18.76 -0.66
CA ARG A 144 7.17 18.36 0.30
C ARG A 144 7.28 19.39 1.42
N GLU A 145 7.17 20.67 1.07
CA GLU A 145 7.24 21.73 2.08
C GLU A 145 6.15 21.57 3.13
N GLU A 146 4.91 21.33 2.68
CA GLU A 146 3.80 21.19 3.63
C GLU A 146 3.93 19.88 4.40
N CYS A 147 4.45 18.85 3.74
CA CYS A 147 4.72 17.58 4.39
C CYS A 147 5.67 17.81 5.56
N GLU A 148 6.73 18.56 5.30
CA GLU A 148 7.74 18.85 6.31
C GLU A 148 7.18 19.68 7.46
N HIS A 149 6.25 20.59 7.16
CA HIS A 149 5.66 21.41 8.20
C HIS A 149 4.77 20.61 9.13
N ALA A 150 4.16 19.56 8.58
CA ALA A 150 3.22 18.75 9.33
C ALA A 150 3.95 17.87 10.35
N TYR A 151 5.17 17.48 10.01
CA TYR A 151 5.97 16.60 10.87
C TYR A 151 7.39 17.14 10.95
N PRO A 152 7.60 18.23 11.70
CA PRO A 152 8.88 18.94 11.63
C PRO A 152 10.09 18.04 11.96
N GLY A 153 11.03 17.98 11.02
CA GLY A 153 12.25 17.24 11.26
C GLY A 153 12.17 15.76 10.96
N GLN A 154 10.97 15.26 10.68
CA GLN A 154 10.75 13.81 10.64
C GLN A 154 10.50 13.24 9.25
N ILE A 155 10.48 14.11 8.25
CA ILE A 155 10.18 13.71 6.88
C ILE A 155 11.44 13.66 6.03
N THR A 156 11.70 12.52 5.40
CA THR A 156 12.84 12.40 4.51
C THR A 156 12.40 12.43 3.04
N GLN A 157 13.38 12.46 2.15
CA GLN A 157 13.12 12.46 0.71
C GLN A 157 12.46 11.15 0.26
N ASN A 158 12.43 10.16 1.15
CA ASN A 158 11.85 8.86 0.83
C ASN A 158 10.41 8.77 1.29
N MET A 159 9.85 9.90 1.70
CA MET A 159 8.48 9.95 2.21
C MET A 159 7.60 10.96 1.47
N LEU A 160 6.32 10.62 1.32
CA LEU A 160 5.31 11.48 0.72
C LEU A 160 4.18 11.68 1.73
N CYS A 161 3.56 12.86 1.73
CA CYS A 161 2.36 13.10 2.53
C CYS A 161 1.12 13.21 1.64
N ALA A 162 0.04 12.56 2.07
CA ALA A 162 -1.23 12.66 1.36
C ALA A 162 -2.41 12.61 2.31
N GLY A 163 -3.48 13.31 1.95
CA GLY A 163 -4.65 13.37 2.81
C GLY A 163 -5.81 14.08 2.16
N ASP A 164 -6.83 14.40 2.96
CA ASP A 164 -8.09 14.93 2.44
C ASP A 164 -8.69 15.87 3.47
N GLU A 165 -8.77 17.16 3.14
CA GLU A 165 -9.23 18.13 4.14
C GLU A 165 -10.75 18.12 4.32
N LYS A 166 -11.48 17.52 3.38
CA LYS A 166 -12.93 17.56 3.45
C LYS A 166 -13.50 16.58 4.47
N TYR A 167 -13.05 15.33 4.42
CA TYR A 167 -13.55 14.28 5.31
C TYR A 167 -12.48 13.73 6.24
N GLY A 168 -11.22 13.94 5.89
CA GLY A 168 -10.13 13.32 6.63
C GLY A 168 -9.83 11.90 6.18
N LYS A 169 -10.19 11.58 4.94
CA LYS A 169 -9.90 10.25 4.40
C LYS A 169 -8.43 9.91 4.63
N ASP A 170 -8.18 8.70 5.14
CA ASP A 170 -6.84 8.36 5.61
C ASP A 170 -6.70 6.84 5.65
N SER A 171 -5.46 6.36 5.54
CA SER A 171 -5.17 4.94 5.72
C SER A 171 -5.22 4.63 7.21
N CYS A 172 -5.34 3.35 7.56
CA CYS A 172 -5.48 2.96 8.95
CA CYS A 172 -5.50 2.94 8.94
C CYS A 172 -4.87 1.58 9.20
N GLN A 173 -5.01 1.08 10.42
CA GLN A 173 -4.41 -0.18 10.81
C GLN A 173 -4.93 -1.32 9.95
N GLY A 174 -4.01 -2.05 9.31
CA GLY A 174 -4.40 -3.08 8.37
C GLY A 174 -4.15 -2.67 6.92
N ASP A 175 -3.95 -1.37 6.70
CA ASP A 175 -3.70 -0.84 5.35
C ASP A 175 -2.23 -0.77 4.96
N SER A 176 -1.34 -0.87 5.95
CA SER A 176 0.10 -0.69 5.69
C SER A 176 0.59 -1.53 4.52
N GLY A 177 1.43 -0.94 3.68
CA GLY A 177 1.99 -1.68 2.56
C GLY A 177 1.14 -1.58 1.31
N GLY A 178 -0.09 -1.11 1.46
CA GLY A 178 -0.98 -0.95 0.31
C GLY A 178 -0.60 0.24 -0.55
N PRO A 179 -1.16 0.31 -1.77
CA PRO A 179 -0.78 1.30 -2.78
C PRO A 179 -1.39 2.69 -2.58
N LEU A 180 -0.57 3.70 -2.78
CA LEU A 180 -1.05 5.05 -3.08
C LEU A 180 -0.92 5.20 -4.60
N VAL A 181 -2.06 5.33 -5.27
CA VAL A 181 -2.07 5.36 -6.73
C VAL A 181 -2.42 6.76 -7.22
N CYS A 182 -1.52 7.35 -8.02
CA CYS A 182 -1.72 8.69 -8.55
C CYS A 182 -1.51 8.68 -10.06
N GLY A 183 -2.47 9.25 -10.79
CA GLY A 183 -2.40 9.17 -12.24
C GLY A 183 -2.32 7.74 -12.75
N ASP A 184 -2.95 6.83 -12.01
CA ASP A 184 -2.99 5.42 -12.40
C ASP A 184 -1.62 4.76 -12.43
N HIS A 185 -0.67 5.34 -11.68
CA HIS A 185 0.63 4.74 -11.47
C HIS A 185 0.83 4.53 -9.96
N LEU A 186 1.66 3.55 -9.59
CA LEU A 186 2.03 3.39 -8.19
C LEU A 186 2.98 4.50 -7.75
N ARG A 187 2.53 5.30 -6.78
CA ARG A 187 3.30 6.45 -6.33
C ARG A 187 3.84 6.22 -4.93
N GLY A 188 3.06 5.55 -4.09
CA GLY A 188 3.46 5.36 -2.71
C GLY A 188 2.99 4.07 -2.09
N LEU A 189 3.46 3.80 -0.88
CA LEU A 189 2.98 2.69 -0.07
C LEU A 189 2.57 3.22 1.29
N VAL A 190 1.43 2.78 1.80
CA VAL A 190 0.98 3.16 3.14
C VAL A 190 2.06 2.81 4.15
N SER A 191 2.52 3.80 4.91
CA SER A 191 3.63 3.60 5.84
C SER A 191 3.27 4.01 7.27
N TRP A 192 2.96 5.28 7.49
CA TRP A 192 2.56 5.73 8.81
C TRP A 192 1.71 6.99 8.77
N GLY A 193 1.58 7.64 9.91
CA GLY A 193 0.77 8.85 10.00
C GLY A 193 0.13 8.98 11.38
N ASN A 194 -1.06 9.58 11.40
CA ASN A 194 -1.73 9.89 12.65
C ASN A 194 -2.45 8.67 13.23
N ILE A 195 -2.43 8.54 14.55
CA ILE A 195 -3.30 7.61 15.24
C ILE A 195 -3.89 8.28 16.48
N PRO A 196 -5.23 8.26 16.60
CA PRO A 196 -6.14 7.61 15.66
C PRO A 196 -6.10 8.23 14.26
N CYS A 197 -6.55 7.46 13.28
CA CYS A 197 -6.42 7.87 11.88
CA CYS A 197 -6.45 7.83 11.87
C CYS A 197 -7.43 8.93 11.50
N GLY A 198 -7.15 9.63 10.42
CA GLY A 198 -7.92 10.80 10.03
C GLY A 198 -6.97 11.89 9.61
N SER A 199 -7.06 12.31 8.36
CA SER A 199 -6.03 13.17 7.80
C SER A 199 -6.35 14.65 7.87
N LYS A 200 -7.43 15.00 8.57
CA LYS A 200 -7.67 16.40 8.88
C LYS A 200 -6.67 16.87 9.96
N GLU A 201 -6.31 15.96 10.85
CA GLU A 201 -5.38 16.30 11.92
C GLU A 201 -3.99 16.49 11.31
N LYS A 202 -3.48 15.45 10.67
CA LYS A 202 -2.27 15.54 9.87
C LYS A 202 -2.36 14.52 8.74
N PRO A 203 -1.62 14.75 7.65
CA PRO A 203 -1.66 13.87 6.49
C PRO A 203 -1.03 12.52 6.79
N GLY A 204 -1.46 11.50 6.07
CA GLY A 204 -0.81 10.21 6.16
C GLY A 204 0.54 10.28 5.48
N VAL A 205 1.46 9.40 5.88
CA VAL A 205 2.79 9.40 5.27
C VAL A 205 3.04 8.09 4.52
N TYR A 206 3.61 8.22 3.33
CA TYR A 206 3.71 7.11 2.39
C TYR A 206 5.15 6.95 1.94
N THR A 207 5.57 5.72 1.70
CA THR A 207 6.90 5.49 1.16
C THR A 207 6.95 5.99 -0.28
N ASN A 208 7.98 6.75 -0.61
CA ASN A 208 8.08 7.39 -1.93
C ASN A 208 8.69 6.41 -2.94
N VAL A 209 7.84 5.68 -3.65
CA VAL A 209 8.29 4.53 -4.45
C VAL A 209 9.22 4.91 -5.60
N CYS A 210 9.07 6.12 -6.13
CA CYS A 210 9.87 6.55 -7.28
C CYS A 210 11.36 6.56 -6.94
N ARG A 211 11.68 6.65 -5.65
CA ARG A 211 13.07 6.70 -5.20
C ARG A 211 13.76 5.35 -5.32
N TYR A 212 12.97 4.31 -5.54
CA TYR A 212 13.46 2.94 -5.42
C TYR A 212 13.47 2.18 -6.73
N THR A 213 13.36 2.91 -7.83
CA THR A 213 13.38 2.31 -9.17
C THR A 213 14.56 1.37 -9.36
N ASN A 214 15.75 1.85 -9.05
CA ASN A 214 16.98 1.08 -9.27
C ASN A 214 17.04 -0.15 -8.38
N TRP A 215 16.71 0.03 -7.10
CA TRP A 215 16.77 -1.05 -6.14
C TRP A 215 15.76 -2.14 -6.49
N ILE A 216 14.55 -1.74 -6.87
CA ILE A 216 13.53 -2.70 -7.28
C ILE A 216 14.03 -3.47 -8.50
N GLN A 217 14.56 -2.74 -9.47
CA GLN A 217 15.06 -3.35 -10.69
C GLN A 217 16.20 -4.34 -10.40
N LYS A 218 17.16 -3.90 -9.60
CA LYS A 218 18.29 -4.76 -9.22
C LYS A 218 17.82 -6.01 -8.50
N THR A 219 16.82 -5.86 -7.64
CA THR A 219 16.35 -6.96 -6.81
C THR A 219 15.60 -8.00 -7.63
N ILE A 220 14.71 -7.54 -8.51
CA ILE A 220 13.93 -8.44 -9.34
C ILE A 220 14.81 -9.23 -10.29
N GLN A 221 15.98 -8.69 -10.62
CA GLN A 221 16.84 -9.32 -11.61
C GLN A 221 17.96 -10.17 -11.03
N ALA A 222 18.20 -10.07 -9.73
CA ALA A 222 19.25 -10.87 -9.10
C ALA A 222 19.03 -12.34 -9.42
CAB 0HM B . 1.36 4.02 11.65
CAC 0HM B . 1.22 5.18 12.41
CAD 0HM B . 2.18 5.53 13.35
CAE 0HM B . 3.29 4.70 13.53
CAF 0HM B . 3.42 3.54 12.77
CAA 0HM B . 2.46 3.19 11.83
CAL 0HM B . 2.62 1.94 10.97
NAG 0HM B . 3.42 0.92 11.67
CAK 0HM B . 4.75 0.87 11.65
CAJ 0HM B . 5.11 -0.15 12.41
NAI 0HM B . 4.00 -0.72 12.89
CAH 0HM B . 2.95 -0.05 12.43
CBD 0HM B . 1.48 -0.38 12.74
NAN 0HM B . 0.91 -1.33 11.75
CAM 0HM B . 1.38 -2.64 11.70
CAQ 0HM B . 0.87 -3.52 10.75
CAR 0HM B . -0.10 -3.09 9.86
CAP 0HM B . -0.57 -1.78 9.90
OBE 0HM B . -1.51 -1.39 9.00
CAO 0HM B . -0.08 -0.89 10.85
CAS 0HM B . -0.67 0.51 10.97
OAU 0HM B . -1.03 0.93 12.07
NAT 0HM B . -0.78 1.19 9.82
CAX 0HM B . -1.22 2.45 9.72
CAY 0HM B . -0.92 3.15 8.56
CAZ 0HM B . -1.30 4.48 8.42
CAW 0HM B . -1.89 3.08 10.75
CAV 0HM B . -2.27 4.42 10.62
CBA 0HM B . -1.98 5.11 9.46
CBB 0HM B . -2.39 6.59 9.34
NBC 0HM B . -2.34 7.02 7.93
#